data_8SZ7
#
_entry.id   8SZ7
#
_cell.length_a   1.00
_cell.length_b   1.00
_cell.length_c   1.00
_cell.angle_alpha   90.00
_cell.angle_beta   90.00
_cell.angle_gamma   90.00
#
_symmetry.space_group_name_H-M   'P 1'
#
_entity_poly.entity_id   1
_entity_poly.type   'polypeptide(L)'
_entity_poly.pdbx_seq_one_letter_code
;GPTGMGNRGMEDLIPLVNRLQDAFSAIGQNADLDLPQIAVVGGQSAGASSVLENFVGRDFLPRGSGIVTRRPLVLQLVNA
TTEYAEFLHCKGKKFTDFEEVRLEIEAETDRVTGTNKGISPVPINLRVYSPHVLNLTLVDLPGMTKVPVGDQPPDIEFQI
RDMLMQFVTKENCLILAVSPANSDLANSDALKVAKEVDPQGQRTIGVITKLDLMDEGTDARDVLENKLLPLRRGYIGVVN
RSQKDIDGKKDITAALAAERKFFLSHPSYRHLADRMGTPYLQKVLNQQLTNHIRDTLPGLRNKLQSQLLSIEKEVEEYKN
FRPDDPARKTKALLQMVQQFAVDFEKRIEGSGDQIDTYELSGGARINRIFHERFPFELVKMEFDEKELRREISYAIKNIH
GIRTGLFTPDMAFETIVKKQVKKIREPCLKCVDMVISELISTVRQCTKKLQQYPRLREEMERIVTTHIREREGRTKEQVM
LLIDIELAYMNTNHEDFIGFANAQQRSNQMNKKKTSGNQDEILVIRKGWLTINNIGIMKGGSKEYWFVLTAENLSWYKDD
EEKEKKYMLSVDNLKLRDVEKGFMSSKHIFALFNTEQRNVYKDYRQLELACETQEEVDSWKASFLRAGVYPERVGDKEKA
SETEENGSDSFMHSMDPQLERQVETIRNLVDSYMAIVNKTVRDLMPKTIMHLMINNTKEFIFSELLANLYSCGDQNTLME
ESAEQAQRRDEMLRMYHALKEALSIIGNINTTTV
;
_entity_poly.pdbx_strand_id   g
#
# COMPACT_ATOMS: atom_id res chain seq x y z
N ILE A 366 21.92 28.55 -15.23
CA ILE A 366 22.59 27.68 -14.28
C ILE A 366 21.94 27.80 -12.91
N ASN A 367 21.66 29.03 -12.46
CA ASN A 367 20.99 29.24 -11.18
C ASN A 367 19.58 28.80 -11.19
N ARG A 368 19.07 28.29 -12.31
CA ARG A 368 17.82 27.57 -12.31
C ARG A 368 18.02 26.06 -12.41
N ILE A 369 19.24 25.59 -12.69
CA ILE A 369 19.57 24.20 -12.40
C ILE A 369 19.41 23.93 -10.92
N PHE A 370 20.06 24.75 -10.09
CA PHE A 370 19.62 24.87 -8.71
C PHE A 370 18.19 25.37 -8.72
N HIS A 371 17.45 25.06 -7.66
CA HIS A 371 16.00 25.23 -7.63
C HIS A 371 15.31 24.16 -8.46
N GLU A 372 16.07 23.28 -9.12
CA GLU A 372 15.57 22.00 -9.60
C GLU A 372 16.50 20.84 -9.27
N ARG A 373 17.78 21.09 -9.01
CA ARG A 373 18.60 20.09 -8.32
C ARG A 373 18.31 20.07 -6.83
N PHE A 374 17.98 21.22 -6.25
CA PHE A 374 17.78 21.30 -4.81
C PHE A 374 16.71 20.32 -4.32
N PRO A 375 15.56 20.17 -4.98
CA PRO A 375 14.62 19.13 -4.53
C PRO A 375 15.25 17.75 -4.48
N PHE A 376 16.19 17.46 -5.37
CA PHE A 376 16.87 16.16 -5.33
C PHE A 376 17.68 16.01 -4.05
N GLU A 377 18.36 17.07 -3.61
CA GLU A 377 19.12 17.00 -2.37
C GLU A 377 18.21 16.78 -1.16
N LEU A 378 16.97 17.25 -1.22
CA LEU A 378 16.05 17.06 -0.11
C LEU A 378 15.50 15.66 -0.03
N VAL A 379 15.70 14.83 -1.05
CA VAL A 379 15.16 13.48 -1.07
C VAL A 379 16.26 12.43 -0.98
N LYS A 380 17.48 12.85 -0.63
CA LYS A 380 18.56 11.91 -0.34
C LYS A 380 18.50 11.40 1.09
N MET A 381 17.57 11.88 1.89
CA MET A 381 17.48 11.50 3.29
C MET A 381 16.82 10.14 3.44
N GLU A 382 17.43 9.28 4.24
CA GLU A 382 16.93 7.94 4.49
C GLU A 382 16.63 7.77 5.97
N PHE A 383 15.62 6.94 6.26
CA PHE A 383 15.18 6.69 7.62
C PHE A 383 15.13 5.20 7.89
N ASP A 384 15.61 4.79 9.06
CA ASP A 384 15.55 3.41 9.50
C ASP A 384 14.20 3.20 10.17
N GLU A 385 13.28 2.56 9.45
CA GLU A 385 11.90 2.44 9.94
C GLU A 385 11.85 1.65 11.24
N LYS A 386 12.68 0.61 11.39
CA LYS A 386 12.66 -0.16 12.63
C LYS A 386 13.01 0.70 13.83
N GLU A 387 14.07 1.51 13.73
CA GLU A 387 14.39 2.43 14.81
C GLU A 387 13.28 3.46 15.01
N LEU A 388 12.65 3.89 13.92
CA LEU A 388 11.58 4.87 14.04
C LEU A 388 10.42 4.32 14.85
N ARG A 389 10.03 3.06 14.60
CA ARG A 389 8.90 2.48 15.32
C ARG A 389 9.28 2.15 16.76
N ARG A 390 10.55 1.82 17.01
CA ARG A 390 10.99 1.63 18.38
C ARG A 390 10.86 2.93 19.17
N GLU A 391 11.29 4.04 18.56
CA GLU A 391 11.25 5.33 19.26
C GLU A 391 9.81 5.77 19.51
N ILE A 392 8.93 5.59 18.52
CA ILE A 392 7.53 5.96 18.71
C ILE A 392 6.93 5.18 19.87
N SER A 393 7.21 3.88 19.94
CA SER A 393 6.65 3.06 21.01
C SER A 393 7.14 3.52 22.37
N TYR A 394 8.44 3.79 22.50
CA TYR A 394 8.96 4.24 23.79
C TYR A 394 8.46 5.64 24.14
N ALA A 395 8.24 6.48 23.12
CA ALA A 395 7.72 7.81 23.39
C ALA A 395 6.32 7.74 23.97
N ILE A 396 5.45 6.91 23.40
CA ILE A 396 4.09 6.78 23.89
C ILE A 396 4.09 6.28 25.34
N LYS A 397 4.87 5.23 25.61
CA LYS A 397 4.89 4.65 26.95
C LYS A 397 5.42 5.64 27.98
N ASN A 398 6.48 6.37 27.64
CA ASN A 398 7.08 7.29 28.60
C ASN A 398 6.22 8.52 28.83
N ILE A 399 5.47 8.96 27.81
CA ILE A 399 4.66 10.16 27.95
C ILE A 399 3.56 9.94 28.98
N HIS A 400 2.89 8.80 28.92
CA HIS A 400 1.82 8.51 29.87
C HIS A 400 2.32 8.40 31.30
N GLY A 401 3.60 8.15 31.51
CA GLY A 401 4.11 8.06 32.87
C GLY A 401 3.46 6.91 33.60
N ILE A 402 2.81 7.22 34.73
CA ILE A 402 2.17 6.19 35.54
C ILE A 402 0.80 5.80 35.02
N ARG A 403 0.10 6.69 34.32
CA ARG A 403 -1.21 6.38 33.79
C ARG A 403 -1.10 5.41 32.63
N THR A 404 -2.23 4.80 32.28
CA THR A 404 -2.31 3.97 31.09
C THR A 404 -2.83 4.73 29.88
N GLY A 405 -3.45 5.88 30.09
CA GLY A 405 -3.83 6.74 28.99
C GLY A 405 -5.06 6.25 28.25
N LEU A 406 -5.85 7.21 27.78
CA LEU A 406 -7.04 6.94 26.98
C LEU A 406 -6.82 7.24 25.51
N PHE A 407 -6.05 8.28 25.20
CA PHE A 407 -5.86 8.73 23.83
C PHE A 407 -4.38 8.83 23.51
N THR A 408 -4.07 8.83 22.23
CA THR A 408 -2.68 8.91 21.80
C THR A 408 -2.10 10.27 22.16
N PRO A 409 -0.94 10.32 22.82
CA PRO A 409 -0.39 11.63 23.20
C PRO A 409 0.05 12.41 21.97
N ASP A 410 0.08 13.74 22.13
CA ASP A 410 0.54 14.59 21.04
C ASP A 410 2.05 14.72 21.00
N MET A 411 2.71 14.78 22.16
CA MET A 411 4.14 14.99 22.19
C MET A 411 4.89 13.86 21.47
N ALA A 412 4.28 12.69 21.33
CA ALA A 412 4.91 11.66 20.52
C ALA A 412 5.07 12.11 19.07
N PHE A 413 4.04 12.74 18.52
CA PHE A 413 4.12 13.26 17.15
C PHE A 413 5.15 14.37 17.05
N GLU A 414 5.12 15.33 17.98
CA GLU A 414 6.00 16.48 17.89
C GLU A 414 7.46 16.07 18.03
N THR A 415 7.76 15.12 18.92
CA THR A 415 9.15 14.76 19.16
C THR A 415 9.78 14.16 17.91
N ILE A 416 9.05 13.30 17.21
CA ILE A 416 9.60 12.69 16.01
C ILE A 416 9.81 13.72 14.91
N VAL A 417 8.80 14.57 14.67
CA VAL A 417 8.88 15.53 13.58
C VAL A 417 10.10 16.43 13.76
N LYS A 418 10.31 16.93 14.99
CA LYS A 418 11.44 17.82 15.24
C LYS A 418 12.76 17.14 14.91
N LYS A 419 12.87 15.83 15.18
CA LYS A 419 14.12 15.13 14.91
C LYS A 419 14.43 15.13 13.42
N GLN A 420 13.40 14.94 12.58
CA GLN A 420 13.59 14.90 11.14
C GLN A 420 13.84 16.29 10.56
N VAL A 421 13.16 17.32 11.09
CA VAL A 421 13.31 18.67 10.53
C VAL A 421 14.73 19.18 10.73
N LYS A 422 15.41 18.72 11.78
CA LYS A 422 16.73 19.23 12.07
C LYS A 422 17.76 18.81 11.04
N LYS A 423 17.41 17.89 10.14
CA LYS A 423 18.35 17.42 9.13
C LYS A 423 18.37 18.29 7.89
N ILE A 424 17.41 19.20 7.73
CA ILE A 424 17.31 19.98 6.51
C ILE A 424 18.42 21.01 6.41
N ARG A 425 19.15 21.26 7.49
CA ARG A 425 20.16 22.30 7.46
C ARG A 425 21.24 22.00 6.43
N GLU A 426 21.54 20.72 6.20
CA GLU A 426 22.65 20.36 5.31
C GLU A 426 22.38 20.77 3.87
N PRO A 427 21.35 20.27 3.21
CA PRO A 427 21.14 20.65 1.80
C PRO A 427 20.98 22.15 1.59
N CYS A 428 20.36 22.85 2.54
CA CYS A 428 20.15 24.29 2.37
C CYS A 428 21.47 25.04 2.32
N LEU A 429 22.43 24.67 3.16
CA LEU A 429 23.73 25.34 3.12
C LEU A 429 24.50 25.00 1.85
N LYS A 430 24.35 23.78 1.35
CA LYS A 430 25.00 23.43 0.09
C LYS A 430 24.43 24.28 -1.06
N CYS A 431 23.11 24.45 -1.09
CA CYS A 431 22.51 25.26 -2.15
C CYS A 431 23.08 26.67 -2.17
N VAL A 432 23.33 27.24 -0.99
CA VAL A 432 23.88 28.60 -0.94
C VAL A 432 25.30 28.62 -1.51
N ASP A 433 26.12 27.62 -1.18
CA ASP A 433 27.49 27.62 -1.65
C ASP A 433 27.55 27.38 -3.16
N MET A 434 26.60 26.63 -3.70
CA MET A 434 26.56 26.41 -5.14
C MET A 434 26.23 27.70 -5.89
N GLY A 473 27.64 35.45 4.71
CA GLY A 473 27.29 35.42 6.13
C GLY A 473 25.83 35.73 6.36
N ARG A 474 25.34 36.85 5.82
CA ARG A 474 23.96 37.23 6.05
C ARG A 474 22.99 36.23 5.43
N THR A 475 23.30 35.73 4.23
CA THR A 475 22.38 34.82 3.57
C THR A 475 22.22 33.52 4.36
N LYS A 476 23.32 32.97 4.86
CA LYS A 476 23.24 31.73 5.62
C LYS A 476 22.49 31.94 6.93
N GLU A 477 22.74 33.05 7.62
CA GLU A 477 22.05 33.31 8.88
C GLU A 477 20.54 33.34 8.67
N GLN A 478 20.09 33.92 7.57
CA GLN A 478 18.65 33.94 7.30
C GLN A 478 18.12 32.53 7.08
N VAL A 479 18.87 31.69 6.36
CA VAL A 479 18.40 30.34 6.09
C VAL A 479 18.29 29.55 7.39
N MET A 480 19.28 29.68 8.28
CA MET A 480 19.22 28.98 9.55
C MET A 480 17.99 29.42 10.35
N LEU A 481 17.73 30.73 10.39
CA LEU A 481 16.57 31.22 11.12
C LEU A 481 15.28 30.65 10.55
N LEU A 482 15.15 30.62 9.23
CA LEU A 482 13.94 30.07 8.62
C LEU A 482 13.72 28.61 8.96
N ILE A 483 14.75 27.90 9.41
CA ILE A 483 14.60 26.52 9.83
C ILE A 483 14.31 26.43 11.32
N ASP A 484 14.90 27.30 12.12
CA ASP A 484 14.62 27.30 13.55
C ASP A 484 13.14 27.59 13.82
N ILE A 485 12.55 28.51 13.05
CA ILE A 485 11.14 28.83 13.26
C ILE A 485 10.24 27.69 12.84
N GLU A 486 10.75 26.71 12.09
CA GLU A 486 9.97 25.52 11.78
C GLU A 486 9.85 24.58 12.96
N LEU A 487 10.71 24.72 13.96
CA LEU A 487 10.68 23.90 15.16
C LEU A 487 9.91 24.53 16.31
N ALA A 488 9.40 25.75 16.13
CA ALA A 488 8.84 26.50 17.25
C ALA A 488 7.37 26.24 17.48
N TYR A 489 6.65 25.75 16.47
CA TYR A 489 5.20 25.63 16.56
C TYR A 489 4.71 24.64 15.52
N MET A 490 3.78 23.78 15.93
CA MET A 490 3.26 22.71 15.08
C MET A 490 1.86 23.11 14.61
N ASN A 491 1.78 23.66 13.41
CA ASN A 491 0.51 24.15 12.86
C ASN A 491 -0.21 22.98 12.23
N THR A 492 -1.13 22.38 12.99
CA THR A 492 -1.87 21.21 12.55
C THR A 492 -3.16 21.56 11.81
N ASN A 493 -3.32 22.81 11.38
CA ASN A 493 -4.47 23.23 10.59
C ASN A 493 -4.12 23.45 9.12
N HIS A 494 -2.88 23.17 8.72
CA HIS A 494 -2.39 23.50 7.38
C HIS A 494 -2.58 22.30 6.44
N GLU A 495 -3.84 22.04 6.10
CA GLU A 495 -4.18 20.98 5.14
C GLU A 495 -3.69 19.62 5.64
N ASP A 496 -3.64 19.45 6.96
CA ASP A 496 -3.22 18.19 7.55
C ASP A 496 -4.45 17.29 7.69
N PHE A 497 -4.23 16.08 8.19
CA PHE A 497 -5.30 15.10 8.38
C PHE A 497 -6.08 15.44 9.65
N ILE A 498 -6.92 16.47 9.53
CA ILE A 498 -7.71 16.94 10.65
C ILE A 498 -8.83 15.95 10.93
N GLY A 499 -8.99 15.57 12.19
CA GLY A 499 -10.03 14.65 12.60
C GLY A 499 -9.66 13.18 12.52
N PHE A 500 -8.45 12.85 12.09
CA PHE A 500 -8.03 11.46 12.01
C PHE A 500 -7.30 11.05 13.28
N ILE A 525 -0.22 -14.31 -11.60
CA ILE A 525 0.63 -15.49 -11.48
C ILE A 525 0.44 -16.40 -12.69
N ARG A 526 -0.81 -16.53 -13.12
CA ARG A 526 -1.14 -17.40 -14.26
C ARG A 526 -2.37 -16.86 -14.96
N LYS A 527 -2.34 -16.91 -16.29
CA LYS A 527 -3.45 -16.45 -17.12
C LYS A 527 -3.75 -17.50 -18.19
N GLY A 528 -4.99 -17.51 -18.65
CA GLY A 528 -5.38 -18.42 -19.70
C GLY A 528 -6.88 -18.38 -19.92
N TRP A 529 -7.30 -19.12 -20.95
CA TRP A 529 -8.72 -19.24 -21.30
C TRP A 529 -9.29 -20.49 -20.65
N LEU A 530 -10.45 -20.34 -20.02
CA LEU A 530 -11.12 -21.44 -19.35
C LEU A 530 -12.61 -21.40 -19.67
N THR A 531 -13.20 -22.57 -19.91
CA THR A 531 -14.61 -22.68 -20.18
C THR A 531 -15.37 -23.02 -18.91
N ILE A 532 -16.69 -22.77 -18.95
CA ILE A 532 -17.58 -23.07 -17.84
C ILE A 532 -18.26 -24.40 -18.13
N ASN A 533 -18.19 -25.33 -17.18
CA ASN A 533 -18.78 -26.64 -17.36
C ASN A 533 -20.24 -26.68 -16.94
N ASN A 534 -20.58 -26.01 -15.85
CA ASN A 534 -21.96 -25.92 -15.37
C ASN A 534 -22.54 -24.59 -15.88
N ILE A 535 -23.49 -24.67 -16.81
CA ILE A 535 -24.01 -23.51 -17.51
C ILE A 535 -25.41 -23.24 -17.00
N GLY A 536 -25.62 -22.02 -16.50
CA GLY A 536 -26.94 -21.51 -16.19
C GLY A 536 -27.38 -20.44 -17.16
N ILE A 537 -28.50 -19.79 -16.81
CA ILE A 537 -28.99 -18.71 -17.65
C ILE A 537 -28.03 -17.53 -17.63
N MET A 538 -27.40 -17.27 -16.49
CA MET A 538 -26.48 -16.15 -16.37
C MET A 538 -25.18 -16.38 -17.13
N LYS A 539 -24.89 -17.62 -17.55
CA LYS A 539 -23.66 -17.93 -18.26
C LYS A 539 -23.82 -17.88 -19.77
N GLY A 540 -25.06 -17.89 -20.29
CA GLY A 540 -25.29 -17.86 -21.72
C GLY A 540 -24.99 -19.19 -22.39
N GLY A 541 -23.76 -19.66 -22.22
CA GLY A 541 -23.37 -20.94 -22.82
C GLY A 541 -21.98 -21.31 -22.36
N SER A 542 -21.54 -22.49 -22.80
CA SER A 542 -20.21 -22.99 -22.48
C SER A 542 -19.22 -22.32 -23.43
N LYS A 543 -18.58 -21.25 -22.96
CA LYS A 543 -17.67 -20.45 -23.76
C LYS A 543 -16.38 -20.19 -22.98
N GLU A 544 -15.30 -19.97 -23.72
CA GLU A 544 -14.02 -19.65 -23.10
C GLU A 544 -14.04 -18.23 -22.56
N TYR A 545 -13.56 -18.07 -21.33
CA TYR A 545 -13.44 -16.77 -20.69
C TYR A 545 -11.99 -16.54 -20.28
N TRP A 546 -11.55 -15.30 -20.40
CA TRP A 546 -10.19 -14.93 -20.01
C TRP A 546 -10.10 -14.85 -18.49
N PHE A 547 -9.23 -15.67 -17.91
CA PHE A 547 -9.07 -15.77 -16.47
C PHE A 547 -7.67 -15.34 -16.08
N VAL A 548 -7.57 -14.49 -15.07
CA VAL A 548 -6.30 -13.98 -14.56
C VAL A 548 -6.21 -14.38 -13.09
N LEU A 549 -5.12 -15.05 -12.72
CA LEU A 549 -4.87 -15.45 -11.34
C LEU A 549 -3.66 -14.69 -10.82
N THR A 550 -3.83 -14.00 -9.70
CA THR A 550 -2.75 -13.29 -9.03
C THR A 550 -2.65 -13.75 -7.59
N ALA A 551 -1.62 -13.28 -6.90
CA ALA A 551 -1.46 -13.63 -5.49
C ALA A 551 -2.59 -13.05 -4.64
N GLU A 552 -3.21 -11.97 -5.09
CA GLU A 552 -4.20 -11.27 -4.28
C GLU A 552 -5.63 -11.66 -4.63
N ASN A 553 -5.98 -11.74 -5.91
CA ASN A 553 -7.37 -11.91 -6.32
C ASN A 553 -7.45 -12.71 -7.61
N LEU A 554 -8.69 -13.02 -8.00
CA LEU A 554 -9.00 -13.72 -9.24
C LEU A 554 -9.98 -12.88 -10.04
N SER A 555 -9.86 -12.93 -11.36
CA SER A 555 -10.74 -12.15 -12.22
C SER A 555 -11.03 -12.93 -13.50
N TRP A 556 -12.24 -12.72 -14.03
CA TRP A 556 -12.67 -13.32 -15.28
C TRP A 556 -13.23 -12.24 -16.19
N TYR A 557 -13.01 -12.39 -17.50
CA TYR A 557 -13.40 -11.39 -18.46
C TYR A 557 -13.98 -12.06 -19.70
N LYS A 558 -14.85 -11.31 -20.40
CA LYS A 558 -15.36 -11.78 -21.68
C LYS A 558 -14.30 -11.81 -22.76
N ASP A 559 -13.26 -10.98 -22.63
CA ASP A 559 -12.18 -10.90 -23.61
C ASP A 559 -10.86 -10.85 -22.85
N ASP A 560 -9.77 -10.66 -23.60
CA ASP A 560 -8.42 -10.66 -23.03
C ASP A 560 -7.93 -9.24 -22.73
N GLU A 561 -8.81 -8.25 -22.78
CA GLU A 561 -8.44 -6.87 -22.46
C GLU A 561 -8.42 -6.59 -20.97
N GLU A 562 -8.99 -7.48 -20.15
CA GLU A 562 -9.00 -7.30 -18.70
C GLU A 562 -9.63 -5.96 -18.30
N LYS A 563 -10.77 -5.65 -18.93
CA LYS A 563 -11.48 -4.40 -18.67
C LYS A 563 -12.89 -4.60 -18.14
N GLU A 564 -13.57 -5.69 -18.52
CA GLU A 564 -14.96 -5.87 -18.12
C GLU A 564 -15.10 -5.95 -16.60
N LYS A 565 -14.21 -6.71 -15.95
CA LYS A 565 -14.28 -6.91 -14.51
C LYS A 565 -15.64 -7.46 -14.10
N LYS A 566 -16.18 -8.39 -14.90
CA LYS A 566 -17.50 -8.93 -14.63
C LYS A 566 -17.51 -9.74 -13.32
N TYR A 567 -16.49 -10.56 -13.10
CA TYR A 567 -16.44 -11.47 -11.96
C TYR A 567 -15.11 -11.32 -11.25
N MET A 568 -15.17 -11.14 -9.93
CA MET A 568 -13.99 -11.06 -9.08
C MET A 568 -14.10 -12.07 -7.95
N LEU A 569 -13.00 -12.75 -7.65
CA LEU A 569 -12.95 -13.73 -6.57
C LEU A 569 -11.62 -13.60 -5.86
N SER A 570 -11.66 -13.63 -4.53
CA SER A 570 -10.45 -13.46 -3.73
C SER A 570 -9.69 -14.78 -3.61
N VAL A 571 -8.36 -14.67 -3.59
CA VAL A 571 -7.52 -15.84 -3.38
C VAL A 571 -7.68 -16.37 -1.97
N ASP A 572 -7.66 -15.49 -0.97
CA ASP A 572 -7.84 -15.91 0.41
C ASP A 572 -9.25 -16.40 0.64
N ASN A 573 -9.40 -17.31 1.61
CA ASN A 573 -10.67 -17.94 1.96
C ASN A 573 -11.19 -18.83 0.85
N LEU A 574 -10.38 -19.13 -0.16
CA LEU A 574 -10.77 -19.95 -1.29
C LEU A 574 -10.20 -21.36 -1.15
N LYS A 575 -10.95 -22.34 -1.65
CA LYS A 575 -10.55 -23.74 -1.60
C LYS A 575 -10.72 -24.37 -2.98
N LEU A 576 -9.80 -25.28 -3.30
CA LEU A 576 -9.88 -26.05 -4.54
C LEU A 576 -10.69 -27.32 -4.30
N ARG A 577 -11.51 -27.67 -5.28
CA ARG A 577 -12.35 -28.87 -5.21
C ARG A 577 -12.28 -29.62 -6.52
N ASP A 578 -12.49 -30.94 -6.42
CA ASP A 578 -12.55 -31.82 -7.58
C ASP A 578 -14.00 -32.09 -7.94
N VAL A 579 -14.20 -32.54 -9.18
CA VAL A 579 -15.53 -32.88 -9.66
C VAL A 579 -15.96 -34.21 -9.04
N GLU A 580 -17.23 -34.29 -8.65
CA GLU A 580 -17.72 -35.48 -7.97
C GLU A 580 -17.62 -36.69 -8.87
N LYS A 581 -17.38 -37.85 -8.26
CA LYS A 581 -17.24 -39.10 -9.03
C LYS A 581 -18.49 -39.35 -9.84
N GLY A 582 -18.30 -39.81 -11.07
CA GLY A 582 -19.37 -39.99 -12.03
C GLY A 582 -19.25 -39.11 -13.26
N PHE A 583 -18.57 -37.97 -13.15
CA PHE A 583 -18.34 -37.11 -14.30
C PHE A 583 -17.30 -37.73 -15.22
N MET A 584 -17.60 -37.79 -16.51
CA MET A 584 -16.71 -38.32 -17.51
C MET A 584 -15.77 -37.22 -18.00
N SER A 585 -14.48 -37.53 -18.07
CA SER A 585 -13.46 -36.52 -18.35
C SER A 585 -13.34 -36.28 -19.85
N SER A 586 -14.45 -35.81 -20.45
CA SER A 586 -14.37 -35.24 -21.78
C SER A 586 -13.57 -33.95 -21.77
N LYS A 587 -13.72 -33.16 -20.70
CA LYS A 587 -12.85 -32.02 -20.41
C LYS A 587 -12.39 -32.14 -18.97
N HIS A 588 -11.14 -31.76 -18.71
CA HIS A 588 -10.55 -31.84 -17.39
C HIS A 588 -10.87 -30.56 -16.62
N ILE A 589 -11.35 -30.72 -15.39
CA ILE A 589 -12.00 -29.63 -14.66
C ILE A 589 -11.40 -29.49 -13.27
N PHE A 590 -11.23 -28.25 -12.83
CA PHE A 590 -11.02 -27.90 -11.43
C PHE A 590 -12.08 -26.90 -11.01
N ALA A 591 -12.37 -26.88 -9.71
CA ALA A 591 -13.44 -26.04 -9.18
C ALA A 591 -12.89 -25.13 -8.09
N LEU A 592 -13.33 -23.87 -8.11
CA LEU A 592 -12.97 -22.87 -7.11
C LEU A 592 -14.21 -22.58 -6.27
N PHE A 593 -14.14 -22.89 -4.97
CA PHE A 593 -15.26 -22.68 -4.05
C PHE A 593 -14.74 -21.92 -2.84
N ASN A 594 -15.37 -20.79 -2.54
CA ASN A 594 -15.02 -20.01 -1.36
C ASN A 594 -15.72 -20.62 -0.15
N THR A 595 -14.95 -20.91 0.90
CA THR A 595 -15.46 -21.65 2.06
C THR A 595 -15.46 -20.85 3.35
N GLU A 596 -14.70 -19.76 3.45
CA GLU A 596 -14.57 -18.99 4.67
C GLU A 596 -15.12 -17.57 4.52
N GLN A 597 -16.10 -17.38 3.64
CA GLN A 597 -16.73 -16.07 3.45
C GLN A 597 -18.24 -16.26 3.33
N ARG A 598 -18.97 -15.23 3.76
CA ARG A 598 -20.40 -15.15 3.52
C ARG A 598 -20.73 -14.59 2.14
N ASN A 599 -19.73 -14.11 1.41
CA ASN A 599 -19.90 -13.67 0.03
C ASN A 599 -19.75 -14.87 -0.88
N VAL A 600 -20.80 -15.15 -1.66
CA VAL A 600 -20.79 -16.34 -2.52
C VAL A 600 -19.87 -16.15 -3.73
N TYR A 601 -19.55 -14.91 -4.09
CA TYR A 601 -18.66 -14.63 -5.22
C TYR A 601 -19.13 -15.33 -6.48
N LYS A 602 -20.44 -15.28 -6.73
CA LYS A 602 -21.03 -15.82 -7.96
C LYS A 602 -20.53 -17.24 -8.24
N ASP A 603 -20.32 -18.02 -7.18
CA ASP A 603 -19.83 -19.39 -7.32
C ASP A 603 -20.99 -20.30 -7.73
N TYR A 604 -21.44 -20.10 -8.98
CA TYR A 604 -22.57 -20.85 -9.49
C TYR A 604 -22.13 -22.29 -9.80
N ARG A 605 -22.79 -23.25 -9.16
CA ARG A 605 -22.48 -24.66 -9.35
C ARG A 605 -21.00 -24.94 -9.11
N GLN A 606 -20.46 -24.32 -8.06
CA GLN A 606 -19.09 -24.52 -7.60
C GLN A 606 -18.04 -23.98 -8.57
N LEU A 607 -18.46 -23.21 -9.58
CA LEU A 607 -17.53 -22.54 -10.48
C LEU A 607 -16.53 -23.54 -11.07
N GLU A 608 -17.05 -24.47 -11.86
CA GLU A 608 -16.22 -25.49 -12.50
C GLU A 608 -15.58 -24.92 -13.75
N LEU A 609 -14.26 -24.97 -13.81
CA LEU A 609 -13.49 -24.47 -14.95
C LEU A 609 -12.80 -25.65 -15.62
N ALA A 610 -12.98 -25.77 -16.93
CA ALA A 610 -12.50 -26.92 -17.68
C ALA A 610 -11.28 -26.57 -18.51
N CYS A 611 -10.43 -27.58 -18.75
CA CYS A 611 -9.25 -27.44 -19.58
C CYS A 611 -9.23 -28.55 -20.63
N GLU A 612 -8.46 -28.32 -21.69
CA GLU A 612 -8.36 -29.31 -22.75
C GLU A 612 -7.60 -30.55 -22.30
N THR A 613 -6.62 -30.40 -21.42
CA THR A 613 -5.80 -31.51 -20.95
C THR A 613 -5.63 -31.43 -19.44
N GLN A 614 -5.36 -32.59 -18.83
CA GLN A 614 -5.21 -32.65 -17.39
C GLN A 614 -3.99 -31.86 -16.92
N GLU A 615 -2.93 -31.81 -17.72
CA GLU A 615 -1.72 -31.09 -17.32
C GLU A 615 -2.04 -29.63 -17.02
N GLU A 616 -2.92 -29.02 -17.81
CA GLU A 616 -3.32 -27.64 -17.55
C GLU A 616 -4.07 -27.54 -16.22
N VAL A 617 -4.93 -28.51 -15.92
CA VAL A 617 -5.67 -28.48 -14.67
C VAL A 617 -4.72 -28.57 -13.48
N ASP A 618 -3.78 -29.50 -13.52
CA ASP A 618 -2.82 -29.64 -12.43
C ASP A 618 -1.95 -28.38 -12.31
N SER A 619 -1.56 -27.80 -13.44
CA SER A 619 -0.79 -26.55 -13.40
C SER A 619 -1.61 -25.44 -12.75
N TRP A 620 -2.90 -25.34 -13.08
CA TRP A 620 -3.73 -24.34 -12.43
C TRP A 620 -3.81 -24.58 -10.94
N LYS A 621 -4.13 -25.80 -10.52
CA LYS A 621 -4.27 -26.10 -9.10
C LYS A 621 -3.00 -25.73 -8.35
N ALA A 622 -1.83 -26.05 -8.90
CA ALA A 622 -0.58 -25.66 -8.27
C ALA A 622 -0.46 -24.14 -8.21
N SER A 623 -0.87 -23.45 -9.28
CA SER A 623 -0.83 -21.98 -9.27
C SER A 623 -1.75 -21.41 -8.20
N PHE A 624 -2.95 -21.96 -8.06
CA PHE A 624 -3.87 -21.46 -7.03
C PHE A 624 -3.30 -21.66 -5.64
N LEU A 625 -2.75 -22.84 -5.36
CA LEU A 625 -2.20 -23.10 -4.03
C LEU A 625 -1.00 -22.22 -3.74
N ARG A 626 -0.14 -22.00 -4.74
CA ARG A 626 0.97 -21.07 -4.56
C ARG A 626 0.48 -19.66 -4.25
N ALA A 627 -0.65 -19.26 -4.85
CA ALA A 627 -1.20 -17.94 -4.58
C ALA A 627 -1.74 -17.81 -3.16
N GLY A 628 -2.04 -18.92 -2.49
CA GLY A 628 -2.53 -18.89 -1.13
C GLY A 628 -3.85 -19.59 -0.95
N VAL A 629 -4.29 -20.31 -1.97
CA VAL A 629 -5.54 -21.07 -1.89
C VAL A 629 -5.32 -22.29 -1.00
N TYR A 630 -6.34 -22.65 -0.22
CA TYR A 630 -6.20 -23.71 0.76
C TYR A 630 -5.90 -25.03 0.06
N PRO A 631 -4.85 -25.76 0.47
CA PRO A 631 -4.51 -27.04 -0.20
C PRO A 631 -5.38 -28.20 0.25
N GLU A 632 -6.62 -28.21 -0.24
CA GLU A 632 -7.54 -29.32 0.03
C GLU A 632 -7.70 -29.56 1.52
N PRO A 657 -0.90 -6.26 20.19
CA PRO A 657 -1.46 -5.20 21.05
C PRO A 657 -1.97 -4.02 20.23
N GLN A 658 -2.89 -3.23 20.81
CA GLN A 658 -3.38 -2.05 20.12
C GLN A 658 -2.31 -0.98 19.97
N LEU A 659 -1.19 -1.10 20.68
CA LEU A 659 -0.13 -0.12 20.58
C LEU A 659 0.37 0.02 19.16
N GLU A 660 0.38 -1.08 18.39
CA GLU A 660 0.89 -1.02 17.02
C GLU A 660 0.06 -0.09 16.15
N ARG A 661 -1.27 -0.08 16.32
CA ARG A 661 -2.10 0.83 15.54
C ARG A 661 -1.76 2.29 15.85
N GLN A 662 -1.50 2.61 17.12
CA GLN A 662 -1.08 3.96 17.46
C GLN A 662 0.26 4.31 16.82
N VAL A 663 1.20 3.38 16.81
CA VAL A 663 2.50 3.64 16.21
C VAL A 663 2.35 3.95 14.72
N GLU A 664 1.53 3.17 14.02
CA GLU A 664 1.32 3.43 12.60
C GLU A 664 0.56 4.72 12.37
N THR A 665 -0.40 5.06 13.24
CA THR A 665 -1.09 6.33 13.10
C THR A 665 -0.13 7.50 13.25
N ILE A 666 0.79 7.42 14.21
CA ILE A 666 1.80 8.46 14.35
C ILE A 666 2.64 8.55 13.09
N ARG A 667 3.06 7.41 12.56
CA ARG A 667 3.89 7.43 11.35
C ARG A 667 3.14 8.06 10.18
N ASN A 668 1.85 7.76 10.05
CA ASN A 668 1.07 8.37 8.97
C ASN A 668 1.03 9.89 9.12
N LEU A 669 0.87 10.38 10.35
CA LEU A 669 0.81 11.82 10.56
C LEU A 669 2.16 12.47 10.33
N VAL A 670 3.24 11.85 10.80
CA VAL A 670 4.56 12.46 10.64
C VAL A 670 4.89 12.65 9.17
N ASP A 671 4.62 11.64 8.35
CA ASP A 671 4.92 11.76 6.92
C ASP A 671 4.09 12.86 6.28
N SER A 672 2.81 12.98 6.65
CA SER A 672 1.97 14.02 6.08
C SER A 672 2.51 15.41 6.40
N TYR A 673 2.90 15.62 7.65
CA TYR A 673 3.39 16.95 8.03
C TYR A 673 4.69 17.28 7.31
N MET A 674 5.64 16.35 7.27
CA MET A 674 6.91 16.63 6.62
C MET A 674 6.74 16.90 5.13
N ALA A 675 5.67 16.38 4.51
CA ALA A 675 5.38 16.75 3.14
C ALA A 675 5.13 18.25 3.03
N ILE A 676 4.45 18.83 4.02
CA ILE A 676 4.23 20.27 4.04
C ILE A 676 5.53 21.01 4.29
N VAL A 677 6.34 20.55 5.25
CA VAL A 677 7.56 21.29 5.60
C VAL A 677 8.50 21.33 4.39
N ASN A 678 8.67 20.20 3.70
CA ASN A 678 9.53 20.20 2.52
C ASN A 678 9.01 21.14 1.45
N LYS A 679 7.69 21.20 1.26
CA LYS A 679 7.13 22.11 0.28
C LYS A 679 7.46 23.56 0.62
N THR A 680 7.43 23.91 1.91
CA THR A 680 7.75 25.28 2.29
C THR A 680 9.21 25.61 2.05
N VAL A 681 10.12 24.73 2.49
CA VAL A 681 11.55 25.02 2.34
C VAL A 681 11.94 25.06 0.87
N ARG A 682 11.33 24.23 0.03
CA ARG A 682 11.57 24.32 -1.40
C ARG A 682 11.19 25.68 -1.96
N ASP A 683 10.31 26.41 -1.27
CA ASP A 683 9.80 27.68 -1.79
C ASP A 683 10.56 28.87 -1.25
N LEU A 684 11.05 28.80 0.00
CA LEU A 684 11.73 29.95 0.59
C LEU A 684 13.17 30.05 0.12
N MET A 685 13.83 28.93 -0.11
CA MET A 685 15.24 28.97 -0.53
C MET A 685 15.42 29.70 -1.84
N PRO A 686 14.65 29.43 -2.90
CA PRO A 686 14.80 30.24 -4.13
C PRO A 686 14.50 31.71 -3.94
N LYS A 687 13.75 32.08 -2.90
CA LYS A 687 13.43 33.48 -2.61
C LYS A 687 14.41 34.15 -1.66
N THR A 688 14.84 33.44 -0.61
CA THR A 688 15.77 34.04 0.33
C THR A 688 17.09 34.42 -0.35
N ILE A 689 17.58 33.56 -1.24
CA ILE A 689 18.86 33.83 -1.90
C ILE A 689 18.73 34.99 -2.87
N MET A 690 17.61 35.04 -3.61
CA MET A 690 17.40 36.16 -4.52
C MET A 690 17.39 37.49 -3.77
N HIS A 691 16.66 37.54 -2.66
CA HIS A 691 16.50 38.80 -1.95
C HIS A 691 17.81 39.26 -1.32
#